data_1SX6
#
_entry.id   1SX6
#
_cell.length_a   75.599
_cell.length_b   49.073
_cell.length_c   68.538
_cell.angle_alpha   90.00
_cell.angle_beta   122.52
_cell.angle_gamma   90.00
#
_symmetry.space_group_name_H-M   'C 1 2 1'
#
loop_
_entity.id
_entity.type
_entity.pdbx_description
1 polymer 'Glycolipid transfer protein'
2 branched beta-D-galactopyranose-(1-4)-beta-D-glucopyranose
3 non-polymer SPHINGOSINE
4 non-polymer 'OLEIC ACID'
5 non-polymer N-OCTANE
6 water water
#
_entity_poly.entity_id   1
_entity_poly.type   'polypeptide(L)'
_entity_poly.pdbx_seq_one_letter_code
;MALLAEHLLKPLPADKQIETGPFLEAVSHLPPFFDCLGSPVFTPIKADISGNITKIKAVYDTNPAKFRTLQNILEVEKEM
YGAEWPKVGATLALMWLKRGLRFIQVFLQSICDGERDENHPNLIRVNATKAYEMALKKYHGWIVQKIFQAALYAAPYKSD
FLKALSKGQNVTEEECLEKIRLFLVNYTATIDVIYEMYTQMNAELNYKV
;
_entity_poly.pdbx_strand_id   A
#
loop_
_chem_comp.id
_chem_comp.type
_chem_comp.name
_chem_comp.formula
BGC D-saccharide, beta linking beta-D-glucopyranose 'C6 H12 O6'
GAL D-saccharide, beta linking beta-D-galactopyranose 'C6 H12 O6'
OCT non-polymer N-OCTANE 'C8 H18'
OLA non-polymer 'OLEIC ACID' 'C18 H34 O2'
SPH non-polymer SPHINGOSINE 'C18 H37 N O2'
#
# COMPACT_ATOMS: atom_id res chain seq x y z
N LEU A 4 6.76 13.21 -3.29
CA LEU A 4 6.73 11.71 -3.28
C LEU A 4 8.13 11.11 -3.09
N ALA A 5 9.10 11.63 -3.84
CA ALA A 5 10.51 11.31 -3.60
C ALA A 5 11.13 12.27 -2.56
N GLU A 6 10.26 12.98 -1.84
CA GLU A 6 10.59 13.72 -0.63
C GLU A 6 10.44 12.82 0.60
N HIS A 7 9.81 11.66 0.42
CA HIS A 7 9.58 10.69 1.51
C HIS A 7 9.80 9.27 1.03
N LEU A 8 11.00 9.04 0.52
CA LEU A 8 11.45 7.73 0.11
C LEU A 8 11.55 6.86 1.35
N LEU A 9 11.24 5.58 1.17
CA LEU A 9 11.45 4.59 2.23
C LEU A 9 12.93 4.28 2.29
N LYS A 10 13.42 3.94 3.48
CA LYS A 10 14.83 3.62 3.65
C LYS A 10 15.07 2.30 2.95
N PRO A 11 16.30 2.06 2.52
CA PRO A 11 16.63 0.77 1.94
C PRO A 11 16.58 -0.30 3.04
N LEU A 12 16.45 -1.55 2.62
CA LEU A 12 16.51 -2.65 3.55
C LEU A 12 17.91 -2.77 4.13
N PRO A 13 18.00 -2.94 5.44
CA PRO A 13 19.31 -3.21 6.04
C PRO A 13 19.71 -4.63 5.65
N ALA A 14 20.92 -5.05 6.01
CA ALA A 14 21.43 -6.36 5.60
C ALA A 14 20.61 -7.52 6.14
N ASP A 15 20.03 -7.37 7.33
CA ASP A 15 19.28 -8.46 7.96
C ASP A 15 17.82 -8.50 7.53
N LYS A 16 17.43 -7.57 6.66
CA LYS A 16 16.10 -7.51 6.07
C LYS A 16 15.01 -7.24 7.11
N GLN A 17 15.39 -6.65 8.23
CA GLN A 17 14.44 -6.36 9.29
C GLN A 17 13.98 -4.92 9.10
N ILE A 18 12.69 -4.71 9.13
CA ILE A 18 12.13 -3.37 8.95
C ILE A 18 11.80 -2.76 10.30
N GLU A 19 12.43 -1.63 10.61
CA GLU A 19 12.12 -0.89 11.80
C GLU A 19 10.70 -0.31 11.68
N THR A 20 9.94 -0.44 12.74
CA THR A 20 8.53 -0.15 12.73
C THR A 20 8.28 1.34 12.65
N GLY A 21 8.91 2.10 13.52
CA GLY A 21 8.70 3.54 13.60
C GLY A 21 8.94 4.29 12.31
N PRO A 22 10.14 4.18 11.73
CA PRO A 22 10.42 4.80 10.44
C PRO A 22 9.58 4.26 9.29
N PHE A 23 9.23 2.97 9.30
CA PHE A 23 8.26 2.44 8.32
C PHE A 23 6.88 3.16 8.40
N LEU A 24 6.36 3.33 9.60
CA LEU A 24 5.04 3.95 9.77
C LEU A 24 5.07 5.43 9.40
N GLU A 25 6.15 6.10 9.74
CA GLU A 25 6.33 7.51 9.41
C GLU A 25 6.33 7.67 7.90
N ALA A 26 7.02 6.74 7.22
CA ALA A 26 7.17 6.81 5.78
C ALA A 26 5.85 6.59 5.05
N VAL A 27 5.13 5.54 5.41
CA VAL A 27 3.87 5.25 4.72
C VAL A 27 2.74 6.20 5.14
N SER A 28 2.91 6.91 6.25
CA SER A 28 1.91 7.90 6.64
C SER A 28 1.76 9.07 5.62
N HIS A 29 2.76 9.25 4.75
CA HIS A 29 2.72 10.29 3.73
C HIS A 29 1.93 9.88 2.50
N LEU A 30 1.51 8.61 2.42
CA LEU A 30 0.77 8.13 1.25
C LEU A 30 -0.72 8.49 1.24
N PRO A 31 -1.44 8.31 2.36
CA PRO A 31 -2.88 8.61 2.40
C PRO A 31 -3.32 10.00 1.89
N PRO A 32 -2.60 11.08 2.24
CA PRO A 32 -2.97 12.41 1.74
C PRO A 32 -2.99 12.55 0.20
N PHE A 33 -2.22 11.74 -0.54
CA PHE A 33 -2.33 11.70 -2.01
C PHE A 33 -3.75 11.31 -2.53
N PHE A 34 -4.56 10.69 -1.67
CA PHE A 34 -5.93 10.34 -2.03
C PHE A 34 -6.89 11.52 -2.09
N ASP A 35 -6.59 12.58 -1.36
CA ASP A 35 -7.45 13.77 -1.37
C ASP A 35 -7.43 14.50 -2.72
N CYS A 36 -6.37 14.24 -3.50
CA CYS A 36 -6.09 14.92 -4.76
C CYS A 36 -6.26 14.01 -6.00
N LEU A 37 -7.09 12.98 -5.87
CA LEU A 37 -7.51 12.16 -7.02
C LEU A 37 -8.83 12.69 -7.57
N GLY A 38 -9.45 13.61 -6.84
CA GLY A 38 -10.60 14.36 -7.33
C GLY A 38 -11.98 13.80 -7.04
N SER A 39 -12.08 12.90 -6.06
CA SER A 39 -13.37 12.29 -5.74
C SER A 39 -13.51 11.89 -4.27
N PRO A 40 -14.73 12.04 -3.71
CA PRO A 40 -15.03 11.54 -2.37
C PRO A 40 -15.13 10.04 -2.30
N VAL A 41 -15.14 9.39 -3.47
CA VAL A 41 -15.13 7.94 -3.54
C VAL A 41 -13.88 7.39 -2.85
N PHE A 42 -12.81 8.17 -2.85
CA PHE A 42 -11.54 7.76 -2.28
C PHE A 42 -11.44 7.96 -0.78
N THR A 43 -12.41 8.65 -0.19
CA THR A 43 -12.39 8.94 1.24
C THR A 43 -12.37 7.65 2.12
N PRO A 44 -13.22 6.67 1.83
CA PRO A 44 -13.19 5.39 2.54
C PRO A 44 -11.90 4.61 2.31
N ILE A 45 -11.34 4.77 1.13
CA ILE A 45 -10.10 4.11 0.75
C ILE A 45 -8.95 4.64 1.62
N LYS A 46 -8.87 5.96 1.71
CA LYS A 46 -7.91 6.63 2.57
C LYS A 46 -8.08 6.20 4.01
N ALA A 47 -9.33 6.07 4.46
CA ALA A 47 -9.62 5.67 5.83
C ALA A 47 -9.10 4.26 6.14
N ASP A 48 -9.20 3.35 5.18
CA ASP A 48 -8.82 1.98 5.45
C ASP A 48 -7.29 1.93 5.66
N ILE A 49 -6.55 2.62 4.78
CA ILE A 49 -5.10 2.60 4.84
C ILE A 49 -4.63 3.32 6.08
N SER A 50 -5.11 4.54 6.25
CA SER A 50 -4.83 5.32 7.44
C SER A 50 -5.16 4.58 8.69
N GLY A 51 -6.36 4.03 8.74
CA GLY A 51 -6.86 3.29 9.87
C GLY A 51 -5.92 2.17 10.27
N ASN A 52 -5.39 1.46 9.28
CA ASN A 52 -4.45 0.37 9.56
C ASN A 52 -3.11 0.86 10.08
N ILE A 53 -2.61 1.95 9.49
CA ILE A 53 -1.37 2.60 9.95
C ILE A 53 -1.48 3.04 11.42
N THR A 54 -2.61 3.66 11.75
CA THR A 54 -2.93 4.11 13.11
C THR A 54 -3.00 2.95 14.10
N LYS A 55 -3.61 1.83 13.67
CA LYS A 55 -3.73 0.64 14.50
C LYS A 55 -2.35 0.02 14.80
N ILE A 56 -1.47 -0.05 13.80
CA ILE A 56 -0.10 -0.52 14.04
C ILE A 56 0.71 0.45 14.92
N LYS A 57 0.63 1.74 14.62
CA LYS A 57 1.26 2.78 15.46
C LYS A 57 0.86 2.64 16.92
N ALA A 58 -0.41 2.39 17.19
CA ALA A 58 -0.92 2.35 18.56
C ALA A 58 -0.38 1.12 19.31
N VAL A 59 -0.22 0.01 18.62
CA VAL A 59 0.42 -1.16 19.23
C VAL A 59 1.90 -0.86 19.49
N TYR A 60 2.57 -0.26 18.51
CA TYR A 60 3.97 0.13 18.62
C TYR A 60 4.20 1.06 19.82
N ASP A 61 3.30 2.03 20.01
CA ASP A 61 3.45 3.04 21.07
C ASP A 61 3.40 2.47 22.49
N THR A 62 2.80 1.30 22.68
CA THR A 62 2.76 0.66 24.01
C THR A 62 4.09 0.08 24.47
N ASN A 63 4.92 -0.31 23.51
CA ASN A 63 6.27 -0.80 23.80
C ASN A 63 7.15 -0.75 22.54
N PRO A 64 7.70 0.42 22.25
CA PRO A 64 8.54 0.63 21.08
C PRO A 64 9.69 -0.36 20.96
N ALA A 65 10.30 -0.72 22.07
CA ALA A 65 11.42 -1.67 22.06
C ALA A 65 10.96 -3.07 21.73
N LYS A 66 9.86 -3.51 22.32
CA LYS A 66 9.33 -4.85 22.06
C LYS A 66 8.85 -5.03 20.62
N PHE A 67 8.39 -3.91 20.04
CA PHE A 67 7.86 -3.86 18.68
C PHE A 67 8.78 -3.05 17.74
N ARG A 68 10.10 -3.14 17.99
CA ARG A 68 11.11 -2.38 17.23
C ARG A 68 11.01 -2.60 15.74
N THR A 69 10.82 -3.85 15.35
CA THR A 69 10.69 -4.25 13.96
C THR A 69 9.32 -4.86 13.70
N LEU A 70 8.96 -4.97 12.43
CA LEU A 70 7.70 -5.55 12.00
C LEU A 70 7.66 -7.05 12.30
N GLN A 71 8.80 -7.69 12.13
CA GLN A 71 9.02 -9.06 12.57
C GLN A 71 8.70 -9.22 14.07
N ASN A 72 9.22 -8.32 14.88
CA ASN A 72 8.94 -8.29 16.30
C ASN A 72 7.43 -8.30 16.55
N ILE A 73 6.68 -7.47 15.82
CA ILE A 73 5.23 -7.39 15.98
C ILE A 73 4.58 -8.74 15.81
N LEU A 74 4.89 -9.41 14.70
CA LEU A 74 4.26 -10.69 14.38
C LEU A 74 4.59 -11.82 15.37
N GLU A 75 5.83 -11.86 15.83
CA GLU A 75 6.26 -12.93 16.73
C GLU A 75 5.76 -12.68 18.15
N VAL A 76 5.82 -11.43 18.61
CA VAL A 76 5.32 -11.08 19.93
C VAL A 76 3.80 -11.29 20.04
N GLU A 77 3.04 -10.89 19.02
CA GLU A 77 1.60 -11.06 19.01
C GLU A 77 1.22 -12.54 18.87
N LYS A 78 2.06 -13.33 18.22
CA LYS A 78 1.84 -14.76 18.11
C LYS A 78 1.85 -15.39 19.53
N GLU A 79 2.86 -15.02 20.31
CA GLU A 79 3.00 -15.47 21.69
C GLU A 79 1.89 -14.86 22.57
N MET A 80 1.66 -13.56 22.41
CA MET A 80 0.72 -12.78 23.23
C MET A 80 -0.73 -13.23 23.12
N TYR A 81 -1.12 -13.76 21.97
CA TYR A 81 -2.53 -13.99 21.68
C TYR A 81 -2.92 -15.46 21.57
N GLY A 82 -1.98 -16.35 21.28
CA GLY A 82 -2.37 -17.73 21.03
C GLY A 82 -3.31 -17.88 19.84
N ALA A 83 -4.43 -18.57 20.05
CA ALA A 83 -5.23 -19.13 18.95
C ALA A 83 -5.92 -18.13 18.03
N GLU A 84 -6.02 -16.89 18.47
CA GLU A 84 -6.76 -15.86 17.74
C GLU A 84 -5.85 -15.23 16.66
N TRP A 85 -4.54 -15.26 16.90
CA TRP A 85 -3.53 -14.86 15.92
C TRP A 85 -3.52 -15.83 14.73
N PRO A 86 -3.31 -15.37 13.49
CA PRO A 86 -2.94 -13.98 13.13
C PRO A 86 -4.10 -13.02 12.84
N LYS A 87 -5.33 -13.44 13.08
CA LYS A 87 -6.51 -12.59 12.89
C LYS A 87 -6.76 -11.64 14.08
N VAL A 88 -5.71 -10.92 14.47
CA VAL A 88 -5.76 -10.03 15.63
C VAL A 88 -4.69 -8.95 15.57
N GLY A 89 -4.97 -7.85 16.26
CA GLY A 89 -3.98 -6.84 16.59
C GLY A 89 -3.33 -6.14 15.40
N ALA A 90 -2.07 -5.77 15.58
CA ALA A 90 -1.30 -5.10 14.54
C ALA A 90 -0.95 -6.04 13.41
N THR A 91 -0.82 -7.33 13.70
CA THR A 91 -0.64 -8.33 12.65
C THR A 91 -1.73 -8.28 11.60
N LEU A 92 -2.99 -8.21 12.04
CA LEU A 92 -4.11 -8.17 11.12
C LEU A 92 -4.17 -6.83 10.40
N ALA A 93 -3.96 -5.73 11.13
CA ALA A 93 -3.89 -4.42 10.50
C ALA A 93 -2.85 -4.41 9.37
N LEU A 94 -1.65 -4.93 9.65
CA LEU A 94 -0.56 -4.93 8.70
C LEU A 94 -0.82 -5.89 7.54
N MET A 95 -1.61 -6.92 7.76
CA MET A 95 -1.96 -7.84 6.68
C MET A 95 -2.79 -7.11 5.61
N TRP A 96 -3.71 -6.26 6.06
CA TRP A 96 -4.48 -5.46 5.14
C TRP A 96 -3.74 -4.22 4.63
N LEU A 97 -2.87 -3.64 5.46
CA LEU A 97 -2.05 -2.52 5.01
C LEU A 97 -1.17 -2.89 3.84
N LYS A 98 -0.53 -4.07 3.93
CA LYS A 98 0.41 -4.46 2.90
C LYS A 98 -0.29 -4.62 1.55
N ARG A 99 -1.55 -5.05 1.57
CA ARG A 99 -2.30 -5.25 0.34
C ARG A 99 -2.66 -3.91 -0.25
N GLY A 100 -3.01 -2.97 0.61
CA GLY A 100 -3.16 -1.59 0.22
C GLY A 100 -1.93 -0.99 -0.42
N LEU A 101 -0.77 -1.21 0.21
CA LEU A 101 0.49 -0.71 -0.30
C LEU A 101 0.91 -1.42 -1.58
N ARG A 102 0.61 -2.71 -1.65
CA ARG A 102 0.93 -3.49 -2.82
C ARG A 102 0.09 -3.00 -3.97
N PHE A 103 -1.16 -2.66 -3.71
CA PHE A 103 -2.01 -2.13 -4.77
C PHE A 103 -1.39 -0.85 -5.34
N ILE A 104 -0.92 0.03 -4.46
CA ILE A 104 -0.28 1.28 -4.88
C ILE A 104 0.99 0.96 -5.70
N GLN A 105 1.75 -0.03 -5.24
CA GLN A 105 2.94 -0.46 -5.93
C GLN A 105 2.65 -0.92 -7.37
N VAL A 106 1.72 -1.84 -7.54
CA VAL A 106 1.44 -2.41 -8.85
C VAL A 106 0.85 -1.32 -9.78
N PHE A 107 -0.05 -0.51 -9.23
CA PHE A 107 -0.62 0.58 -9.98
C PHE A 107 0.46 1.52 -10.54
N LEU A 108 1.32 1.99 -9.66
CA LEU A 108 2.35 2.91 -10.10
C LEU A 108 3.34 2.27 -11.07
N GLN A 109 3.69 1.00 -10.86
CA GLN A 109 4.70 0.34 -11.68
C GLN A 109 4.14 0.11 -13.11
N SER A 110 2.87 -0.25 -13.18
CA SER A 110 2.13 -0.38 -14.42
C SER A 110 2.13 0.94 -15.18
N ILE A 111 1.86 2.06 -14.52
CA ILE A 111 1.90 3.34 -15.20
C ILE A 111 3.31 3.61 -15.75
N CYS A 112 4.30 3.51 -14.87
CA CYS A 112 5.70 3.73 -15.20
C CYS A 112 6.20 2.79 -16.31
N ASP A 113 5.65 1.59 -16.41
CA ASP A 113 6.09 0.60 -17.39
C ASP A 113 5.45 0.86 -18.76
N GLY A 114 4.63 1.90 -18.86
CA GLY A 114 3.97 2.25 -20.08
C GLY A 114 2.81 1.35 -20.47
N GLU A 115 2.25 0.61 -19.52
CA GLU A 115 1.06 -0.22 -19.78
C GLU A 115 -0.15 0.69 -19.97
N ARG A 116 -0.88 0.48 -21.06
CA ARG A 116 -2.10 1.23 -21.32
C ARG A 116 -3.08 0.42 -22.19
N ASP A 117 -4.28 0.97 -22.36
CA ASP A 117 -5.24 0.50 -23.34
C ASP A 117 -4.96 1.31 -24.60
N GLU A 118 -4.49 0.64 -25.65
CA GLU A 118 -4.26 1.29 -26.95
C GLU A 118 -5.52 2.07 -27.38
N ASN A 119 -6.70 1.48 -27.16
CA ASN A 119 -8.00 2.08 -27.48
C ASN A 119 -8.35 3.34 -26.65
N HIS A 120 -8.03 3.30 -25.35
CA HIS A 120 -8.27 4.42 -24.44
C HIS A 120 -7.00 4.76 -23.64
N PRO A 121 -6.03 5.40 -24.30
CA PRO A 121 -4.65 5.53 -23.79
C PRO A 121 -4.40 6.58 -22.70
N ASN A 122 -5.32 7.52 -22.52
CA ASN A 122 -5.18 8.54 -21.47
C ASN A 122 -5.97 8.20 -20.22
N LEU A 123 -6.50 6.98 -20.16
CA LEU A 123 -7.13 6.50 -18.96
C LEU A 123 -6.12 5.68 -18.19
N ILE A 124 -6.44 5.37 -16.93
CA ILE A 124 -5.61 4.52 -16.09
C ILE A 124 -6.40 3.34 -15.54
N ARG A 125 -7.48 2.99 -16.25
CA ARG A 125 -8.39 1.94 -15.81
C ARG A 125 -7.71 0.57 -15.86
N VAL A 126 -6.91 0.35 -16.89
CA VAL A 126 -6.22 -0.93 -17.08
C VAL A 126 -5.12 -1.10 -16.00
N ASN A 127 -4.52 0.00 -15.58
CA ASN A 127 -3.47 -0.01 -14.55
C ASN A 127 -4.04 -0.29 -13.17
N ALA A 128 -5.14 0.38 -12.86
CA ALA A 128 -5.85 0.19 -11.60
C ALA A 128 -6.48 -1.20 -11.52
N THR A 129 -6.91 -1.73 -12.67
CA THR A 129 -7.50 -3.07 -12.74
C THR A 129 -6.49 -4.15 -12.47
N LYS A 130 -5.28 -4.00 -13.01
CA LYS A 130 -4.21 -4.98 -12.79
C LYS A 130 -3.77 -4.98 -11.33
N ALA A 131 -3.60 -3.78 -10.78
CA ALA A 131 -3.31 -3.60 -9.36
C ALA A 131 -4.34 -4.30 -8.50
N TYR A 132 -5.61 -4.08 -8.82
CA TYR A 132 -6.72 -4.70 -8.10
C TYR A 132 -6.63 -6.23 -8.18
N GLU A 133 -6.35 -6.77 -9.36
CA GLU A 133 -6.27 -8.22 -9.53
C GLU A 133 -5.13 -8.85 -8.77
N MET A 134 -4.01 -8.14 -8.68
CA MET A 134 -2.81 -8.70 -8.09
C MET A 134 -2.83 -8.57 -6.57
N ALA A 135 -3.41 -7.47 -6.08
CA ALA A 135 -3.28 -7.09 -4.67
C ALA A 135 -4.50 -7.40 -3.80
N LEU A 136 -5.70 -7.16 -4.33
CA LEU A 136 -6.90 -7.09 -3.53
C LEU A 136 -8.02 -8.07 -3.85
N LYS A 137 -8.25 -8.35 -5.14
CA LYS A 137 -9.51 -8.93 -5.63
C LYS A 137 -9.83 -10.30 -5.04
N LYS A 138 -8.82 -11.09 -4.78
CA LYS A 138 -9.05 -12.45 -4.30
C LYS A 138 -9.53 -12.49 -2.84
N TYR A 139 -9.44 -11.35 -2.15
CA TYR A 139 -9.92 -11.21 -0.78
C TYR A 139 -11.22 -10.42 -0.69
N HIS A 140 -11.81 -10.13 -1.85
CA HIS A 140 -13.08 -9.43 -1.91
C HIS A 140 -14.18 -10.37 -2.42
N GLY A 141 -15.31 -10.36 -1.72
CA GLY A 141 -16.56 -10.95 -2.22
C GLY A 141 -17.17 -10.16 -3.37
N TRP A 142 -18.27 -10.68 -3.90
CA TRP A 142 -18.81 -10.14 -5.13
C TRP A 142 -19.31 -8.72 -4.96
N ILE A 143 -19.75 -8.35 -3.77
CA ILE A 143 -20.32 -7.02 -3.54
C ILE A 143 -19.24 -5.93 -3.55
N VAL A 144 -18.13 -6.21 -2.87
CA VAL A 144 -17.04 -5.26 -2.79
C VAL A 144 -16.39 -5.13 -4.18
N GLN A 145 -16.35 -6.24 -4.91
CA GLN A 145 -15.81 -6.22 -6.27
C GLN A 145 -16.63 -5.29 -7.17
N LYS A 146 -17.95 -5.34 -7.06
CA LYS A 146 -18.79 -4.50 -7.91
C LYS A 146 -18.64 -3.06 -7.49
N ILE A 147 -18.40 -2.84 -6.22
CA ILE A 147 -18.11 -1.48 -5.74
C ILE A 147 -16.78 -0.96 -6.29
N PHE A 148 -15.75 -1.81 -6.36
CA PHE A 148 -14.50 -1.40 -7.02
C PHE A 148 -14.75 -0.94 -8.46
N GLN A 149 -15.50 -1.74 -9.20
CA GLN A 149 -15.84 -1.41 -10.59
C GLN A 149 -16.51 -0.04 -10.72
N ALA A 150 -17.37 0.30 -9.77
CA ALA A 150 -18.03 1.59 -9.78
C ALA A 150 -17.01 2.67 -9.47
N ALA A 151 -16.22 2.43 -8.43
CA ALA A 151 -15.21 3.37 -7.95
C ALA A 151 -14.16 3.66 -9.01
N LEU A 152 -13.95 2.71 -9.92
CA LEU A 152 -12.95 2.81 -10.97
C LEU A 152 -13.19 4.00 -11.90
N TYR A 153 -14.43 4.41 -12.07
CA TYR A 153 -14.74 5.52 -12.95
C TYR A 153 -14.45 6.88 -12.33
N ALA A 154 -14.23 6.91 -11.02
CA ALA A 154 -13.77 8.14 -10.36
C ALA A 154 -12.29 8.45 -10.67
N ALA A 155 -11.57 7.45 -11.20
CA ALA A 155 -10.20 7.62 -11.69
C ALA A 155 -10.06 8.77 -12.69
N PRO A 156 -9.09 9.66 -12.46
CA PRO A 156 -8.79 10.72 -13.42
C PRO A 156 -8.01 10.19 -14.61
N TYR A 157 -7.85 11.01 -15.65
CA TYR A 157 -7.00 10.68 -16.78
C TYR A 157 -5.55 10.54 -16.29
N LYS A 158 -4.74 9.79 -17.03
CA LYS A 158 -3.32 9.62 -16.69
C LYS A 158 -2.65 10.97 -16.58
N SER A 159 -2.89 11.81 -17.58
CA SER A 159 -2.32 13.16 -17.63
C SER A 159 -2.57 13.97 -16.35
N ASP A 160 -3.81 13.94 -15.85
CA ASP A 160 -4.19 14.74 -14.68
C ASP A 160 -3.66 14.19 -13.37
N PHE A 161 -3.56 12.87 -13.30
CA PHE A 161 -3.11 12.16 -12.12
C PHE A 161 -1.64 12.47 -11.86
N LEU A 162 -0.87 12.53 -12.95
CA LEU A 162 0.57 12.76 -12.89
C LEU A 162 0.83 14.22 -12.60
N LYS A 163 0.08 15.09 -13.24
CA LYS A 163 0.14 16.53 -12.98
C LYS A 163 -0.20 16.80 -11.51
N ALA A 164 -1.11 16.01 -10.95
CA ALA A 164 -1.54 16.17 -9.56
C ALA A 164 -0.43 15.77 -8.57
N LEU A 165 0.31 14.72 -8.91
CA LEU A 165 1.44 14.29 -8.10
C LEU A 165 2.56 15.34 -8.12
N SER A 166 2.63 16.14 -9.19
CA SER A 166 3.51 17.31 -9.24
C SER A 166 2.75 18.52 -8.66
N LYS A 167 2.56 18.50 -7.35
CA LYS A 167 1.72 19.47 -6.65
C LYS A 167 2.50 20.73 -6.28
N GLN A 169 6.10 21.49 -8.86
CA GLN A 169 5.04 21.27 -9.84
C GLN A 169 5.52 21.51 -11.28
N ASN A 170 6.60 22.30 -11.41
CA ASN A 170 7.10 22.74 -12.72
C ASN A 170 8.02 21.67 -13.32
N VAL A 171 7.44 20.70 -14.04
CA VAL A 171 8.12 19.44 -14.35
C VAL A 171 7.43 18.60 -15.47
N THR A 172 8.20 17.99 -16.37
CA THR A 172 7.60 17.20 -17.45
C THR A 172 7.04 15.88 -16.93
N GLU A 173 6.19 15.27 -17.74
CA GLU A 173 5.61 14.00 -17.40
C GLU A 173 6.70 12.95 -17.23
N GLU A 174 7.72 13.04 -18.08
CA GLU A 174 8.81 12.08 -18.10
C GLU A 174 9.63 12.22 -16.80
N GLU A 175 9.79 13.46 -16.34
CA GLU A 175 10.47 13.73 -15.09
C GLU A 175 9.69 13.10 -13.95
N CYS A 176 8.38 13.30 -13.95
CA CYS A 176 7.51 12.79 -12.91
C CYS A 176 7.61 11.26 -12.80
N LEU A 177 7.52 10.58 -13.92
CA LEU A 177 7.61 9.13 -13.92
C LEU A 177 8.98 8.65 -13.42
N GLU A 178 10.05 9.39 -13.70
CA GLU A 178 11.37 8.97 -13.24
C GLU A 178 11.47 9.10 -11.72
N LYS A 179 10.82 10.12 -11.16
CA LYS A 179 10.76 10.25 -9.71
C LYS A 179 9.93 9.12 -9.10
N ILE A 180 8.84 8.74 -9.77
CA ILE A 180 8.03 7.65 -9.28
C ILE A 180 8.80 6.33 -9.33
N ARG A 181 9.58 6.09 -10.39
CA ARG A 181 10.40 4.87 -10.49
C ARG A 181 11.41 4.83 -9.36
N LEU A 182 11.94 6.00 -9.03
CA LEU A 182 12.91 6.13 -7.93
C LEU A 182 12.24 5.73 -6.60
N PHE A 183 11.08 6.31 -6.31
CA PHE A 183 10.28 5.94 -5.16
C PHE A 183 10.00 4.43 -5.06
N LEU A 184 9.69 3.81 -6.19
CA LEU A 184 9.30 2.41 -6.23
C LEU A 184 10.40 1.43 -5.88
N VAL A 185 11.65 1.86 -5.92
CA VAL A 185 12.78 0.98 -5.60
C VAL A 185 12.69 0.41 -4.17
N ASN A 186 12.80 1.27 -3.17
CA ASN A 186 12.80 0.82 -1.79
C ASN A 186 11.39 0.50 -1.31
N TYR A 187 10.38 1.12 -1.90
CA TYR A 187 8.97 0.76 -1.65
C TYR A 187 8.69 -0.71 -1.95
N THR A 188 9.00 -1.13 -3.17
CA THR A 188 8.75 -2.49 -3.62
C THR A 188 9.55 -3.50 -2.80
N ALA A 189 10.82 -3.21 -2.58
CA ALA A 189 11.69 -4.08 -1.80
C ALA A 189 11.11 -4.30 -0.41
N THR A 190 10.66 -3.22 0.22
CA THR A 190 10.07 -3.24 1.57
C THR A 190 8.77 -4.03 1.56
N ILE A 191 7.88 -3.77 0.61
CA ILE A 191 6.63 -4.52 0.55
C ILE A 191 6.88 -6.01 0.34
N ASP A 192 7.81 -6.34 -0.56
CA ASP A 192 8.19 -7.74 -0.79
C ASP A 192 8.65 -8.40 0.51
N VAL A 193 9.51 -7.73 1.26
CA VAL A 193 9.98 -8.25 2.54
C VAL A 193 8.81 -8.51 3.53
N ILE A 194 7.82 -7.64 3.55
CA ILE A 194 6.67 -7.83 4.43
C ILE A 194 5.83 -9.03 3.99
N TYR A 195 5.63 -9.20 2.69
CA TYR A 195 4.85 -10.34 2.19
C TYR A 195 5.61 -11.66 2.48
N GLU A 196 6.93 -11.62 2.38
CA GLU A 196 7.75 -12.79 2.67
C GLU A 196 7.57 -13.17 4.14
N MET A 197 7.58 -12.16 5.02
CA MET A 197 7.42 -12.36 6.45
C MET A 197 6.08 -12.99 6.81
N TYR A 198 5.02 -12.61 6.11
CA TYR A 198 3.71 -13.18 6.37
C TYR A 198 3.68 -14.66 5.96
N THR A 199 4.45 -14.98 4.92
CA THR A 199 4.51 -16.33 4.40
C THR A 199 5.33 -17.23 5.34
N GLN A 200 6.48 -16.75 5.79
CA GLN A 200 7.33 -17.53 6.68
C GLN A 200 6.74 -17.73 8.07
N MET A 201 5.95 -16.76 8.55
CA MET A 201 5.31 -16.86 9.87
C MET A 201 3.96 -17.54 9.78
N ASN A 202 3.56 -17.90 8.56
CA ASN A 202 2.25 -18.44 8.25
C ASN A 202 1.13 -17.55 8.78
N ALA A 203 1.33 -16.23 8.69
CA ALA A 203 0.39 -15.24 9.19
C ALA A 203 -0.62 -14.79 8.13
N GLU A 204 -0.41 -15.18 6.87
CA GLU A 204 -1.30 -14.77 5.79
C GLU A 204 -2.64 -15.50 5.89
N LEU A 205 -3.74 -14.77 5.72
CA LEU A 205 -5.06 -15.36 5.77
C LEU A 205 -5.74 -15.06 4.45
N ASN A 206 -6.67 -15.93 4.06
CA ASN A 206 -7.29 -15.82 2.75
C ASN A 206 -8.77 -15.50 2.79
N TYR A 207 -9.30 -15.14 3.96
CA TYR A 207 -10.72 -14.86 4.06
C TYR A 207 -11.12 -13.64 3.21
N LYS A 208 -12.35 -13.67 2.70
CA LYS A 208 -12.89 -12.58 1.90
C LYS A 208 -13.83 -11.72 2.74
N VAL A 209 -14.05 -10.49 2.27
CA VAL A 209 -14.91 -9.53 2.91
C VAL A 209 -16.06 -9.08 2.00
C2 BGC B . -9.39 -3.35 7.63
C3 BGC B . -8.70 -4.02 8.80
C4 BGC B . -9.67 -4.94 9.53
C5 BGC B . -10.19 -6.02 8.61
C6 BGC B . -11.18 -6.99 9.29
C1 BGC B . -10.58 -4.15 7.02
O1 BGC B . -10.57 -4.12 5.61
O2 BGC B . -8.43 -2.90 6.72
O3 BGC B . -8.24 -3.01 9.68
O4 BGC B . -8.95 -5.53 10.57
O5 BGC B . -10.77 -5.50 7.42
O6 BGC B . -11.50 -8.04 8.40
C1 GAL B . -9.42 -5.46 11.89
C2 GAL B . -9.19 -4.07 12.46
C3 GAL B . -9.66 -4.03 13.92
C4 GAL B . -11.07 -4.61 14.03
C5 GAL B . -11.14 -5.98 13.35
C6 GAL B . -12.51 -6.66 13.42
O2 GAL B . -7.80 -3.82 12.31
O3 GAL B . -9.60 -2.73 14.46
O4 GAL B . -11.98 -3.75 13.39
O5 GAL B . -10.79 -5.80 11.99
O6 GAL B . -12.37 -7.99 13.90
C1 SPH C . -11.03 -4.86 4.58
C2 SPH C . -11.23 -4.09 3.28
N2 SPH C . -9.97 -3.44 2.92
C3 SPH C . -12.36 -3.05 3.38
O3 SPH C . -13.57 -3.69 3.72
C4 SPH C . -12.54 -2.29 2.09
C5 SPH C . -12.07 -0.90 1.97
C6 SPH C . -12.28 -0.11 0.69
C7 SPH C . -11.59 -0.80 -0.51
C8 SPH C . -12.47 -0.90 -1.76
C9 SPH C . -11.69 -1.26 -3.04
C10 SPH C . -12.01 -0.34 -4.22
C11 SPH C . -10.79 0.42 -4.72
C12 SPH C . -11.16 1.56 -5.70
C13 SPH C . -9.91 2.32 -6.11
C14 SPH C . -9.82 2.63 -7.61
C15 SPH C . -8.43 3.22 -7.88
C16 SPH C . -8.30 3.97 -9.21
C17 SPH C . -7.68 5.37 -9.05
C18 SPH C . -6.17 5.35 -8.86
C1 OLA D . -9.05 -3.42 2.05
O2 OLA D . -9.43 -4.27 0.95
C2 OLA D . -7.78 -2.68 1.64
C3 OLA D . -8.18 -1.44 0.85
C4 OLA D . -7.05 -0.91 -0.01
C5 OLA D . -7.56 -0.09 -1.20
C6 OLA D . -6.41 0.39 -2.07
C7 OLA D . -6.95 1.17 -3.26
C8 OLA D . -6.09 2.41 -3.52
C9 OLA D . -6.65 3.20 -4.70
C10 OLA D . -5.82 4.07 -5.54
C11 OLA D . -4.31 4.27 -5.32
C12 OLA D . -3.83 5.51 -6.05
C13 OLA D . -2.40 5.88 -5.64
C14 OLA D . -2.40 6.98 -4.60
C15 OLA D . -1.09 7.04 -3.83
C16 OLA D . -0.04 7.78 -4.64
C17 OLA D . 1.33 7.65 -3.96
C18 OLA D . 2.41 8.32 -4.79
C1 OCT E . 3.96 7.64 12.34
C2 OCT E . 2.60 7.05 11.98
C3 OCT E . 1.48 7.98 12.43
C4 OCT E . 0.08 7.38 12.22
C5 OCT E . -0.60 8.04 11.01
C6 OCT E . -1.97 7.43 10.68
C7 OCT E . -2.27 7.34 9.17
C8 OCT E . -1.90 8.54 8.32
#